data_2GAA
#
_entry.id   2GAA
#
_cell.length_a   134.756
_cell.length_b   134.756
_cell.length_c   48.679
_cell.angle_alpha   90.00
_cell.angle_beta   90.00
_cell.angle_gamma   120.00
#
_symmetry.space_group_name_H-M   'H 3'
#
loop_
_entity.id
_entity.type
_entity.pdbx_description
1 polymer 'Hypothetical 39.9 kDa protein'
2 non-polymer 'SULFATE ION'
3 water water
#
_entity_poly.entity_id   1
_entity_poly.type   'polypeptide(L)'
_entity_poly.pdbx_seq_one_letter_code
;MVDTHKLADDVLQLLDNRIEDNYRVCVILVGSPGSGKSTIAEEL(CME)QIINEKYHTFLSEHPNVIEVNDRLKPMVNLV
DSLKTLQPNKVAEMIENQGLFKDHVEDVNFQPVKYSALTSNNEE(CME)TAVVARGGTANAIRIAAVDNPVNVNKLAQDS
INIAQIVPMDGFHLSRRCLDLFKDPQTAHKRRGSPSTFDSNNFLQLCKILAKTSL(CME)KVSSHHKFYSTSSVFEKLSK
TFSQTIPDIFVPGFNHALKDPTPDQYCISKFTRIVILEGLYLLYDQENWKKIYKTLADTGALLVYKIDIDYEATEERVAK
RHLQSGLVTTIAEGREKFRSNDLLNGRDIDNHLIKVDNIVHIRNDHHHHHH
;
_entity_poly.pdbx_strand_id   A
#
loop_
_chem_comp.id
_chem_comp.type
_chem_comp.name
_chem_comp.formula
SO4 non-polymer 'SULFATE ION' 'O4 S -2'
#
# COMPACT_ATOMS: atom_id res chain seq x y z
N VAL A 2 18.34 -9.81 4.82
CA VAL A 2 17.39 -10.63 4.03
C VAL A 2 17.85 -10.76 2.58
N ASP A 3 17.55 -11.90 1.98
CA ASP A 3 17.94 -12.16 0.60
C ASP A 3 16.77 -11.73 -0.30
N THR A 4 16.89 -10.57 -0.94
CA THR A 4 15.81 -10.08 -1.79
C THR A 4 15.63 -10.86 -3.09
N HIS A 5 16.68 -11.51 -3.56
CA HIS A 5 16.54 -12.29 -4.79
C HIS A 5 15.74 -13.55 -4.46
N LYS A 6 15.89 -14.04 -3.24
CA LYS A 6 15.16 -15.22 -2.82
C LYS A 6 13.69 -14.85 -2.64
N LEU A 7 13.43 -13.63 -2.16
CA LEU A 7 12.05 -13.18 -1.99
C LEU A 7 11.44 -13.10 -3.38
N ALA A 8 12.22 -12.56 -4.32
CA ALA A 8 11.76 -12.45 -5.69
C ALA A 8 11.41 -13.85 -6.22
N ASP A 9 12.24 -14.83 -5.91
CA ASP A 9 12.00 -16.20 -6.36
C ASP A 9 10.72 -16.77 -5.75
N ASP A 10 10.49 -16.48 -4.47
CA ASP A 10 9.30 -16.98 -3.81
C ASP A 10 8.04 -16.31 -4.38
N VAL A 11 8.15 -15.02 -4.71
CA VAL A 11 7.01 -14.29 -5.27
C VAL A 11 6.64 -14.83 -6.64
N LEU A 12 7.64 -15.10 -7.47
CA LEU A 12 7.40 -15.64 -8.79
C LEU A 12 6.84 -17.05 -8.71
N GLN A 13 7.25 -17.80 -7.69
CA GLN A 13 6.75 -19.15 -7.52
C GLN A 13 5.25 -19.12 -7.19
N LEU A 14 4.83 -18.19 -6.34
CA LEU A 14 3.42 -18.10 -5.99
C LEU A 14 2.64 -17.63 -7.20
N LEU A 15 3.13 -16.61 -7.88
CA LEU A 15 2.46 -16.10 -9.07
C LEU A 15 2.28 -17.21 -10.10
N ASP A 16 3.34 -17.98 -10.32
CA ASP A 16 3.28 -19.07 -11.29
C ASP A 16 2.24 -20.11 -10.85
N ASN A 17 2.24 -20.45 -9.57
CA ASN A 17 1.29 -21.42 -9.04
C ASN A 17 -0.16 -20.93 -9.13
N ARG A 18 -0.36 -19.62 -9.04
CA ARG A 18 -1.70 -19.04 -9.08
C ARG A 18 -2.07 -18.38 -10.40
N ILE A 19 -1.23 -18.57 -11.41
CA ILE A 19 -1.43 -17.97 -12.72
C ILE A 19 -2.85 -18.09 -13.28
N GLU A 20 -3.49 -19.22 -13.02
CA GLU A 20 -4.84 -19.45 -13.53
C GLU A 20 -5.96 -19.03 -12.56
N ASP A 21 -5.59 -18.74 -11.32
CA ASP A 21 -6.58 -18.37 -10.31
C ASP A 21 -6.56 -16.91 -9.86
N ASN A 22 -5.43 -16.25 -10.07
CA ASN A 22 -5.31 -14.86 -9.64
C ASN A 22 -4.56 -14.02 -10.66
N TYR A 23 -5.15 -12.89 -11.03
CA TYR A 23 -4.55 -12.00 -11.99
C TYR A 23 -3.26 -11.39 -11.42
N ARG A 24 -3.23 -11.20 -10.10
CA ARG A 24 -2.04 -10.65 -9.47
C ARG A 24 -1.81 -11.20 -8.06
N VAL A 25 -0.56 -11.23 -7.65
CA VAL A 25 -0.20 -11.70 -6.33
C VAL A 25 0.14 -10.47 -5.51
N CYS A 26 -0.22 -10.50 -4.23
CA CYS A 26 0.09 -9.40 -3.34
C CYS A 26 1.14 -9.83 -2.35
N VAL A 27 1.97 -8.87 -1.94
CA VAL A 27 3.01 -9.12 -0.98
C VAL A 27 2.83 -8.08 0.13
N ILE A 28 2.76 -8.54 1.37
CA ILE A 28 2.64 -7.62 2.49
C ILE A 28 4.02 -7.62 3.15
N LEU A 29 4.54 -6.42 3.42
CA LEU A 29 5.84 -6.26 4.05
C LEU A 29 5.69 -5.25 5.19
N VAL A 30 5.79 -5.72 6.41
CA VAL A 30 5.65 -4.86 7.58
C VAL A 30 6.95 -4.67 8.35
N GLY A 31 7.15 -3.45 8.83
CA GLY A 31 8.32 -3.11 9.61
C GLY A 31 8.06 -1.87 10.42
N SER A 32 8.68 -1.77 11.59
CA SER A 32 8.50 -0.59 12.43
C SER A 32 9.42 0.48 11.83
N PRO A 33 9.34 1.73 12.35
CA PRO A 33 10.17 2.81 11.82
C PRO A 33 11.67 2.45 11.80
N GLY A 34 12.32 2.71 10.68
CA GLY A 34 13.73 2.42 10.54
C GLY A 34 14.08 0.98 10.27
N SER A 35 13.07 0.15 9.99
CA SER A 35 13.29 -1.26 9.71
C SER A 35 13.83 -1.50 8.30
N GLY A 36 13.66 -0.51 7.43
CA GLY A 36 14.13 -0.67 6.05
C GLY A 36 13.14 -1.34 5.12
N LYS A 37 11.85 -1.31 5.46
CA LYS A 37 10.82 -1.93 4.62
C LYS A 37 10.73 -1.21 3.27
N SER A 38 11.05 0.08 3.27
CA SER A 38 11.00 0.88 2.06
C SER A 38 12.03 0.39 1.04
N THR A 39 13.27 0.19 1.47
CA THR A 39 14.33 -0.26 0.59
C THR A 39 14.18 -1.73 0.17
N ILE A 40 13.70 -2.56 1.08
CA ILE A 40 13.51 -3.96 0.75
C ILE A 40 12.44 -4.07 -0.34
N ALA A 41 11.35 -3.33 -0.16
CA ALA A 41 10.25 -3.33 -1.12
C ALA A 41 10.70 -2.85 -2.50
N GLU A 42 11.45 -1.75 -2.53
CA GLU A 42 11.92 -1.19 -3.79
C GLU A 42 12.89 -2.14 -4.48
N GLU A 43 13.77 -2.75 -3.70
CA GLU A 43 14.75 -3.68 -4.22
C GLU A 43 14.06 -4.91 -4.82
N LEU A 44 13.11 -5.46 -4.08
CA LEU A 44 12.35 -6.62 -4.53
C LEU A 44 11.63 -6.33 -5.84
N CME A 45 11.06 -5.13 -5.84
CA CME A 45 10.29 -4.69 -6.99
CB CME A 45 9.60 -3.37 -6.65
SG CME A 45 8.70 -2.61 -8.02
SD CME A 45 10.01 -1.27 -8.79
CE CME A 45 9.02 0.25 -8.98
CZ CME A 45 8.72 0.90 -7.65
OH CME A 45 8.22 2.07 -7.76
C CME A 45 11.12 -4.51 -8.27
O CME A 45 10.92 -5.19 -9.28
N GLN A 46 12.38 -4.05 -7.71
CA GLN A 46 13.18 -3.89 -8.91
C GLN A 46 13.64 -5.24 -9.45
N ILE A 47 14.32 -5.93 -8.78
CA ILE A 47 14.74 -7.26 -9.19
C ILE A 47 13.74 -7.98 -10.09
N ILE A 48 12.48 -8.02 -9.68
CA ILE A 48 11.45 -8.68 -10.47
C ILE A 48 11.29 -8.03 -11.84
N ASN A 49 11.20 -6.71 -11.87
CA ASN A 49 11.05 -6.02 -13.16
C ASN A 49 12.26 -6.25 -14.06
N GLU A 50 13.46 -6.23 -13.49
CA GLU A 50 14.68 -6.46 -14.27
C GLU A 50 14.64 -7.83 -14.92
N LYS A 51 14.23 -8.83 -14.14
CA LYS A 51 14.12 -10.19 -14.64
C LYS A 51 13.16 -10.24 -15.83
N TYR A 52 12.04 -9.52 -15.72
CA TYR A 52 11.07 -9.51 -16.79
C TYR A 52 11.62 -8.86 -18.05
N HIS A 53 12.33 -7.74 -17.89
CA HIS A 53 12.90 -7.03 -19.02
C HIS A 53 13.91 -7.92 -19.73
N THR A 54 14.70 -8.66 -18.96
CA THR A 54 15.69 -9.56 -19.50
C THR A 54 14.98 -10.65 -20.31
N PHE A 55 13.84 -11.11 -19.81
CA PHE A 55 13.06 -12.13 -20.50
C PHE A 55 12.52 -11.57 -21.81
N LEU A 56 12.01 -10.34 -21.76
CA LEU A 56 11.47 -9.68 -22.94
C LEU A 56 12.51 -9.49 -24.03
N SER A 57 13.76 -9.28 -23.62
CA SER A 57 14.85 -9.08 -24.56
C SER A 57 14.88 -10.17 -25.64
N GLU A 58 14.69 -11.42 -25.23
CA GLU A 58 14.71 -12.54 -26.17
C GLU A 58 13.34 -13.10 -26.57
N HIS A 59 12.29 -12.48 -26.03
CA HIS A 59 10.91 -12.84 -26.35
C HIS A 59 10.25 -11.50 -26.61
N PRO A 60 10.78 -10.73 -27.59
CA PRO A 60 10.38 -9.39 -28.05
C PRO A 60 8.90 -9.08 -28.26
N ASN A 61 8.16 -10.03 -28.82
CA ASN A 61 6.76 -9.80 -29.11
C ASN A 61 5.82 -10.79 -28.46
N VAL A 62 6.20 -11.25 -27.27
CA VAL A 62 5.41 -12.22 -26.54
C VAL A 62 4.18 -11.63 -25.86
N ILE A 63 4.23 -10.34 -25.54
CA ILE A 63 3.12 -9.70 -24.86
C ILE A 63 1.85 -9.58 -25.71
N GLU A 64 0.74 -9.94 -25.09
CA GLU A 64 -0.57 -9.88 -25.71
C GLU A 64 -1.57 -9.52 -24.63
N VAL A 65 -2.53 -8.67 -24.98
CA VAL A 65 -3.56 -8.27 -24.03
C VAL A 65 -4.86 -8.94 -24.44
N ASN A 66 -5.42 -9.74 -23.53
CA ASN A 66 -6.65 -10.46 -23.80
C ASN A 66 -7.88 -9.73 -23.30
N ASP A 67 -9.00 -10.45 -23.30
CA ASP A 67 -10.29 -9.94 -22.84
C ASP A 67 -10.68 -8.65 -23.52
N ARG A 68 -10.27 -8.50 -24.78
CA ARG A 68 -10.57 -7.30 -25.54
C ARG A 68 -12.08 -7.07 -25.75
N LEU A 69 -12.85 -8.15 -25.77
CA LEU A 69 -14.30 -8.04 -25.98
C LEU A 69 -15.10 -8.13 -24.68
N LYS A 70 -14.42 -8.04 -23.55
CA LYS A 70 -15.10 -8.10 -22.26
C LYS A 70 -15.21 -6.71 -21.66
N PRO A 71 -16.22 -6.50 -20.80
CA PRO A 71 -16.38 -5.18 -20.17
C PRO A 71 -15.35 -4.96 -19.07
N MET A 72 -15.08 -3.70 -18.76
CA MET A 72 -14.12 -3.38 -17.71
C MET A 72 -14.60 -3.90 -16.37
N VAL A 73 -13.66 -4.28 -15.51
CA VAL A 73 -14.01 -4.78 -14.19
C VAL A 73 -14.50 -3.54 -13.43
N ASN A 74 -15.72 -3.59 -12.90
CA ASN A 74 -16.26 -2.45 -12.15
C ASN A 74 -15.74 -2.57 -10.72
N LEU A 75 -14.91 -1.64 -10.30
CA LEU A 75 -14.33 -1.71 -8.97
C LEU A 75 -15.08 -0.91 -7.90
N VAL A 76 -15.83 0.11 -8.34
CA VAL A 76 -16.54 1.00 -7.43
C VAL A 76 -18.05 0.81 -7.33
N ASP A 77 -18.61 -0.09 -8.14
CA ASP A 77 -20.06 -0.34 -8.14
C ASP A 77 -20.68 -0.52 -6.76
N SER A 78 -19.95 -1.12 -5.84
CA SER A 78 -20.45 -1.38 -4.49
C SER A 78 -20.46 -0.16 -3.57
N LEU A 79 -19.82 0.93 -4.00
CA LEU A 79 -19.76 2.13 -3.18
C LEU A 79 -20.86 3.12 -3.53
N LYS A 80 -21.26 3.89 -2.52
CA LYS A 80 -22.28 4.92 -2.68
C LYS A 80 -21.62 6.10 -3.40
N THR A 81 -22.38 6.76 -4.27
CA THR A 81 -21.85 7.89 -4.99
C THR A 81 -22.03 9.16 -4.19
N LEU A 82 -20.96 9.93 -4.07
CA LEU A 82 -21.03 11.20 -3.36
C LEU A 82 -21.74 12.11 -4.33
N GLN A 83 -23.00 12.44 -4.04
CA GLN A 83 -23.77 13.30 -4.93
C GLN A 83 -23.06 14.61 -5.23
N PRO A 84 -23.24 15.15 -6.45
CA PRO A 84 -22.61 16.40 -6.89
C PRO A 84 -22.61 17.53 -5.87
N ASN A 85 -23.70 17.69 -5.13
CA ASN A 85 -23.77 18.75 -4.14
C ASN A 85 -22.78 18.53 -2.99
N LYS A 86 -22.67 17.28 -2.55
CA LYS A 86 -21.75 16.95 -1.46
C LYS A 86 -20.29 17.04 -1.93
N VAL A 87 -20.05 16.72 -3.20
CA VAL A 87 -18.69 16.81 -3.73
C VAL A 87 -18.25 18.27 -3.62
N ALA A 88 -19.16 19.17 -4.00
CA ALA A 88 -18.88 20.61 -3.93
C ALA A 88 -18.61 21.04 -2.49
N GLU A 89 -19.44 20.58 -1.58
CA GLU A 89 -19.29 20.92 -0.16
C GLU A 89 -17.90 20.46 0.33
N MET A 90 -17.55 19.22 0.03
CA MET A 90 -16.25 18.67 0.42
C MET A 90 -15.12 19.50 -0.15
N ILE A 91 -15.17 19.75 -1.45
CA ILE A 91 -14.15 20.54 -2.12
C ILE A 91 -14.07 21.91 -1.46
N GLU A 92 -15.22 22.44 -1.09
CA GLU A 92 -15.29 23.74 -0.45
C GLU A 92 -14.61 23.71 0.91
N ASN A 93 -14.78 22.60 1.63
CA ASN A 93 -14.16 22.45 2.94
C ASN A 93 -12.75 21.89 2.82
N GLN A 94 -12.00 22.39 1.84
CA GLN A 94 -10.62 21.98 1.61
C GLN A 94 -10.44 20.48 1.34
N GLY A 95 -11.45 19.84 0.76
CA GLY A 95 -11.39 18.42 0.45
C GLY A 95 -11.47 17.55 1.70
N LEU A 96 -12.23 18.02 2.69
CA LEU A 96 -12.38 17.30 3.94
C LEU A 96 -13.82 17.04 4.37
N PHE A 97 -13.99 16.02 5.22
CA PHE A 97 -15.29 15.64 5.79
C PHE A 97 -15.14 15.95 7.28
N LYS A 98 -15.49 17.18 7.65
CA LYS A 98 -15.36 17.64 9.02
C LYS A 98 -15.81 16.70 10.15
N ASP A 99 -16.99 16.12 10.01
CA ASP A 99 -17.53 15.26 11.07
C ASP A 99 -17.11 13.79 11.09
N HIS A 100 -16.20 13.38 10.21
CA HIS A 100 -15.80 11.98 10.18
C HIS A 100 -14.29 11.70 10.20
N VAL A 101 -13.47 12.72 10.43
CA VAL A 101 -12.03 12.52 10.42
C VAL A 101 -11.48 11.43 11.34
N GLU A 102 -12.22 11.08 12.39
CA GLU A 102 -11.77 10.05 13.33
C GLU A 102 -12.73 8.86 13.31
N ASP A 103 -13.64 8.85 12.35
CA ASP A 103 -14.62 7.78 12.22
C ASP A 103 -14.09 6.63 11.36
N VAL A 104 -13.64 5.56 12.01
CA VAL A 104 -13.10 4.42 11.29
C VAL A 104 -14.15 3.62 10.53
N ASN A 105 -15.42 3.88 10.83
CA ASN A 105 -16.51 3.18 10.16
C ASN A 105 -17.13 3.97 9.01
N PHE A 106 -16.59 5.15 8.74
CA PHE A 106 -17.08 5.96 7.63
C PHE A 106 -16.76 5.17 6.37
N GLN A 107 -17.77 4.86 5.56
CA GLN A 107 -17.55 4.09 4.35
C GLN A 107 -17.05 4.97 3.21
N PRO A 108 -16.16 4.43 2.36
CA PRO A 108 -15.62 5.19 1.24
C PRO A 108 -16.74 5.51 0.25
N VAL A 109 -16.61 6.64 -0.43
CA VAL A 109 -17.60 7.05 -1.41
C VAL A 109 -16.87 7.40 -2.71
N LYS A 110 -17.59 7.35 -3.82
CA LYS A 110 -17.00 7.64 -5.13
C LYS A 110 -17.69 8.81 -5.81
N TYR A 111 -17.03 9.36 -6.82
CA TYR A 111 -17.56 10.48 -7.61
C TYR A 111 -16.66 10.71 -8.81
N SER A 112 -17.26 11.18 -9.90
CA SER A 112 -16.52 11.46 -11.13
C SER A 112 -15.78 12.79 -11.06
N ALA A 113 -14.46 12.72 -11.15
CA ALA A 113 -13.63 13.91 -11.09
C ALA A 113 -13.29 14.40 -12.50
N GLU A 119 -10.37 12.71 -20.36
CA GLU A 119 -11.04 11.45 -20.06
C GLU A 119 -11.58 11.45 -18.64
N GLU A 120 -12.59 10.63 -18.38
CA GLU A 120 -13.21 10.57 -17.06
C GLU A 120 -12.32 10.00 -15.96
N CME A 121 -12.57 9.85 -14.78
CA CME A 121 -11.74 9.43 -13.66
CB CME A 121 -10.43 10.20 -13.64
SG CME A 121 -9.37 9.76 -12.24
SD CME A 121 -8.06 8.43 -13.03
CE CME A 121 -6.74 9.49 -13.72
CZ CME A 121 -5.89 10.12 -12.64
OH CME A 121 -5.08 11.00 -13.07
C CME A 121 -12.49 9.67 -12.37
O CME A 121 -13.44 10.44 -12.33
N THR A 122 -12.41 8.24 -11.78
CA THR A 122 -13.29 8.04 -10.62
C THR A 122 -12.46 8.17 -9.35
N ALA A 123 -12.89 8.97 -8.47
CA ALA A 123 -12.15 9.17 -7.24
C ALA A 123 -12.85 8.48 -6.08
N VAL A 124 -12.08 7.78 -5.26
CA VAL A 124 -12.64 7.10 -4.11
C VAL A 124 -12.00 7.70 -2.87
N VAL A 125 -12.83 8.25 -1.99
CA VAL A 125 -12.34 8.86 -0.78
C VAL A 125 -13.05 8.34 0.46
N ALA A 126 -12.37 8.46 1.60
CA ALA A 126 -12.92 8.03 2.87
C ALA A 126 -12.71 9.14 3.90
N ARG A 127 -12.55 8.79 5.17
CA ARG A 127 -12.41 9.83 6.20
C ARG A 127 -11.30 10.86 6.03
N GLY A 128 -10.30 10.57 5.21
CA GLY A 128 -9.21 11.52 5.01
C GLY A 128 -9.49 12.53 3.91
N GLY A 129 -10.58 12.34 3.19
CA GLY A 129 -10.93 13.26 2.12
C GLY A 129 -10.06 13.12 0.88
N THR A 130 -10.06 14.14 0.05
CA THR A 130 -9.31 14.13 -1.20
C THR A 130 -7.82 13.84 -1.08
N ALA A 131 -7.22 14.21 0.04
CA ALA A 131 -5.78 14.00 0.22
C ALA A 131 -5.34 12.53 0.15
N ASN A 132 -6.23 11.61 0.49
CA ASN A 132 -5.88 10.18 0.45
C ASN A 132 -6.70 9.44 -0.61
N ALA A 133 -7.22 10.19 -1.56
CA ALA A 133 -8.04 9.61 -2.61
C ALA A 133 -7.33 8.59 -3.48
N ILE A 134 -8.09 7.59 -3.92
CA ILE A 134 -7.61 6.54 -4.82
C ILE A 134 -8.29 6.95 -6.12
N ARG A 135 -7.58 6.90 -7.23
CA ARG A 135 -8.18 7.29 -8.50
C ARG A 135 -8.18 6.17 -9.53
N ILE A 136 -9.33 5.94 -10.15
CA ILE A 136 -9.47 4.89 -11.15
C ILE A 136 -9.82 5.47 -12.51
N ALA A 137 -9.08 5.07 -13.54
CA ALA A 137 -9.29 5.57 -14.89
C ALA A 137 -10.33 4.77 -15.67
N ALA A 138 -10.73 5.30 -16.82
CA ALA A 138 -11.72 4.65 -17.68
C ALA A 138 -11.30 3.22 -18.03
N SER A 152 10.12 -0.38 -19.84
CA SER A 152 8.85 0.33 -19.97
C SER A 152 7.70 -0.45 -19.36
N ILE A 153 7.64 -1.75 -19.67
CA ILE A 153 6.58 -2.60 -19.13
C ILE A 153 7.07 -3.21 -17.82
N ASN A 154 6.46 -2.81 -16.71
CA ASN A 154 6.83 -3.34 -15.41
C ASN A 154 5.69 -4.16 -14.86
N ILE A 155 6.02 -5.32 -14.29
CA ILE A 155 5.01 -6.20 -13.73
C ILE A 155 4.89 -6.10 -12.20
N ALA A 156 5.84 -5.41 -11.58
CA ALA A 156 5.83 -5.25 -10.13
C ALA A 156 5.77 -3.78 -9.78
N GLN A 157 4.96 -3.46 -8.78
CA GLN A 157 4.80 -2.09 -8.33
C GLN A 157 4.68 -2.11 -6.80
N ILE A 158 5.08 -1.03 -6.16
CA ILE A 158 4.99 -0.95 -4.70
C ILE A 158 3.86 -0.02 -4.29
N VAL A 159 3.21 -0.34 -3.17
CA VAL A 159 2.15 0.50 -2.65
C VAL A 159 2.52 0.88 -1.22
N PRO A 160 3.06 2.10 -1.02
CA PRO A 160 3.44 2.53 0.33
C PRO A 160 2.20 2.93 1.11
N MET A 161 2.19 2.63 2.40
CA MET A 161 1.06 2.98 3.25
C MET A 161 1.16 4.49 3.57
N ASP A 162 2.38 5.03 3.46
CA ASP A 162 2.63 6.44 3.74
C ASP A 162 1.67 7.42 3.08
N GLY A 163 1.24 7.09 1.86
CA GLY A 163 0.34 7.97 1.13
C GLY A 163 -1.00 8.14 1.79
N PHE A 164 -1.31 7.28 2.76
CA PHE A 164 -2.59 7.37 3.44
C PHE A 164 -2.54 8.10 4.78
N HIS A 165 -1.44 8.80 5.05
CA HIS A 165 -1.32 9.61 6.27
C HIS A 165 -2.45 10.61 6.16
N LEU A 166 -3.18 10.85 7.23
CA LEU A 166 -4.22 11.87 7.15
C LEU A 166 -3.42 13.17 7.01
N SER A 167 -3.95 14.14 6.26
CA SER A 167 -3.24 15.39 6.08
C SER A 167 -3.16 16.13 7.41
N ARG A 168 -2.22 17.06 7.51
CA ARG A 168 -2.06 17.84 8.74
C ARG A 168 -3.32 18.66 8.98
N ARG A 169 -3.96 19.12 7.92
CA ARG A 169 -5.18 19.90 8.07
C ARG A 169 -6.27 18.97 8.60
N CYS A 170 -6.22 17.71 8.19
CA CYS A 170 -7.19 16.73 8.65
C CYS A 170 -6.97 16.50 10.15
N LEU A 171 -5.71 16.48 10.55
CA LEU A 171 -5.39 16.27 11.96
C LEU A 171 -5.85 17.46 12.83
N ASP A 172 -5.94 18.64 12.24
CA ASP A 172 -6.39 19.82 12.98
C ASP A 172 -7.85 19.69 13.39
N LEU A 173 -8.58 18.85 12.68
CA LEU A 173 -9.99 18.66 12.96
C LEU A 173 -10.25 17.59 14.00
N PHE A 174 -9.19 16.94 14.48
CA PHE A 174 -9.34 15.91 15.51
C PHE A 174 -9.84 16.59 16.77
N LYS A 175 -10.61 15.86 17.57
CA LYS A 175 -11.14 16.43 18.81
C LYS A 175 -9.99 16.97 19.64
N ASP A 176 -8.84 16.31 19.56
CA ASP A 176 -7.64 16.74 20.28
C ASP A 176 -6.48 16.80 19.30
N PRO A 177 -6.39 17.90 18.53
CA PRO A 177 -5.34 18.12 17.52
C PRO A 177 -3.92 17.98 18.07
N GLN A 178 -3.69 18.52 19.26
CA GLN A 178 -2.37 18.49 19.88
C GLN A 178 -1.77 17.09 19.91
N THR A 179 -2.51 16.13 20.46
CA THR A 179 -2.04 14.77 20.53
C THR A 179 -2.03 14.15 19.14
N ALA A 180 -2.98 14.55 18.30
CA ALA A 180 -3.05 14.02 16.95
C ALA A 180 -1.74 14.28 16.21
N HIS A 181 -1.25 15.52 16.28
CA HIS A 181 0.00 15.89 15.63
C HIS A 181 1.22 15.28 16.32
N LYS A 182 1.29 15.41 17.63
CA LYS A 182 2.41 14.89 18.39
C LYS A 182 2.55 13.38 18.19
N ARG A 183 1.42 12.72 17.96
CA ARG A 183 1.42 11.27 17.76
C ARG A 183 1.24 10.89 16.29
N ARG A 184 1.52 11.82 15.39
CA ARG A 184 1.38 11.53 13.97
C ARG A 184 2.22 10.32 13.59
N GLY A 185 1.58 9.34 12.96
CA GLY A 185 2.28 8.13 12.59
C GLY A 185 1.64 6.96 13.31
N SER A 186 0.79 7.27 14.28
CA SER A 186 0.09 6.23 15.03
C SER A 186 -0.97 5.66 14.09
N PRO A 187 -1.49 4.46 14.39
CA PRO A 187 -2.51 3.81 13.56
C PRO A 187 -3.75 4.69 13.31
N SER A 188 -4.06 5.55 14.28
CA SER A 188 -5.23 6.40 14.14
C SER A 188 -5.01 7.67 13.33
N THR A 189 -3.79 7.86 12.81
CA THR A 189 -3.53 9.05 12.00
C THR A 189 -3.37 8.74 10.51
N PHE A 190 -3.98 7.64 10.09
CA PHE A 190 -3.95 7.20 8.70
C PHE A 190 -5.41 6.97 8.29
N ASP A 191 -5.71 7.10 7.00
CA ASP A 191 -7.06 6.85 6.52
C ASP A 191 -7.13 5.34 6.31
N SER A 192 -7.27 4.62 7.42
CA SER A 192 -7.35 3.17 7.39
C SER A 192 -8.52 2.71 6.54
N ASN A 193 -9.60 3.52 6.52
CA ASN A 193 -10.81 3.22 5.76
C ASN A 193 -10.49 3.05 4.28
N ASN A 194 -9.83 4.05 3.71
CA ASN A 194 -9.49 4.01 2.30
C ASN A 194 -8.38 3.02 1.96
N PHE A 195 -7.46 2.79 2.89
CA PHE A 195 -6.42 1.82 2.57
C PHE A 195 -7.10 0.44 2.46
N LEU A 196 -7.99 0.14 3.40
CA LEU A 196 -8.73 -1.12 3.34
C LEU A 196 -9.46 -1.19 2.01
N GLN A 197 -10.06 -0.08 1.59
CA GLN A 197 -10.79 -0.01 0.33
C GLN A 197 -9.85 -0.29 -0.82
N LEU A 198 -8.62 0.21 -0.74
CA LEU A 198 -7.65 -0.05 -1.81
C LEU A 198 -7.42 -1.57 -1.86
N CYS A 199 -7.30 -2.19 -0.69
CA CYS A 199 -7.08 -3.64 -0.64
C CYS A 199 -8.26 -4.40 -1.25
N LYS A 200 -9.48 -3.92 -1.00
CA LYS A 200 -10.66 -4.56 -1.56
C LYS A 200 -10.65 -4.47 -3.09
N ILE A 201 -10.17 -3.34 -3.60
CA ILE A 201 -10.10 -3.12 -5.03
C ILE A 201 -9.04 -4.05 -5.61
N LEU A 202 -7.90 -4.16 -4.94
CA LEU A 202 -6.84 -5.05 -5.41
C LEU A 202 -7.30 -6.51 -5.42
N ALA A 203 -8.01 -6.93 -4.38
CA ALA A 203 -8.49 -8.32 -4.30
C ALA A 203 -9.45 -8.62 -5.45
N LYS A 204 -10.27 -7.63 -5.77
CA LYS A 204 -11.23 -7.77 -6.85
C LYS A 204 -10.51 -7.86 -8.19
N THR A 205 -9.44 -7.08 -8.36
CA THR A 205 -8.69 -7.13 -9.60
C THR A 205 -7.88 -8.41 -9.68
N SER A 206 -7.76 -9.10 -8.55
CA SER A 206 -7.00 -10.34 -8.50
C SER A 206 -7.91 -11.55 -8.71
N LEU A 207 -9.12 -11.47 -8.17
CA LEU A 207 -10.08 -12.57 -8.27
C LEU A 207 -10.98 -12.53 -9.50
N CME A 208 -10.74 -11.88 -10.40
CA CME A 208 -11.54 -11.77 -11.62
CB CME A 208 -11.11 -10.54 -12.41
SG CME A 208 -9.31 -10.40 -12.60
SD CME A 208 -8.85 -11.84 -13.96
CE CME A 208 -8.55 -10.91 -15.48
CZ CME A 208 -9.65 -9.92 -15.74
OH CME A 208 -10.81 -10.43 -15.79
C CME A 208 -11.37 -13.02 -12.47
O CME A 208 -10.42 -13.80 -12.27
N LYS A 209 -11.75 -13.17 -13.85
CA LYS A 209 -11.42 -14.50 -14.35
C LYS A 209 -10.53 -14.42 -15.58
N VAL A 210 -9.28 -15.22 -15.21
CA VAL A 210 -8.03 -15.10 -15.96
C VAL A 210 -8.11 -16.04 -17.16
N SER A 211 -7.69 -15.52 -18.28
CA SER A 211 -7.65 -16.33 -19.50
C SER A 211 -9.02 -16.90 -19.84
N SER A 218 1.11 -24.80 -22.24
CA SER A 218 2.01 -25.95 -22.10
C SER A 218 3.39 -25.50 -21.63
N THR A 219 3.61 -24.19 -21.60
CA THR A 219 4.89 -23.66 -21.16
C THR A 219 5.08 -23.82 -19.67
N SER A 220 6.27 -23.49 -19.19
CA SER A 220 6.59 -23.57 -17.77
C SER A 220 7.14 -22.24 -17.26
N SER A 221 7.47 -21.35 -18.20
CA SER A 221 8.01 -20.05 -17.85
C SER A 221 6.92 -19.14 -17.28
N VAL A 222 7.13 -18.65 -16.06
CA VAL A 222 6.16 -17.77 -15.45
C VAL A 222 6.01 -16.50 -16.29
N PHE A 223 7.13 -15.99 -16.81
CA PHE A 223 7.06 -14.78 -17.63
C PHE A 223 6.28 -14.99 -18.92
N GLU A 224 6.41 -16.18 -19.51
CA GLU A 224 5.70 -16.52 -20.73
C GLU A 224 4.21 -16.53 -20.42
N LYS A 225 3.85 -17.21 -19.34
CA LYS A 225 2.45 -17.31 -18.93
C LYS A 225 1.83 -15.94 -18.65
N LEU A 226 2.50 -15.11 -17.87
CA LEU A 226 1.91 -13.81 -17.57
C LEU A 226 1.85 -12.90 -18.80
N SER A 227 2.81 -13.03 -19.70
CA SER A 227 2.86 -12.20 -20.91
C SER A 227 1.66 -12.41 -21.82
N LYS A 228 1.10 -13.61 -21.80
CA LYS A 228 -0.04 -13.94 -22.63
C LYS A 228 -1.37 -13.76 -21.92
N THR A 229 -1.34 -13.34 -20.67
CA THR A 229 -2.57 -13.18 -19.92
C THR A 229 -2.88 -11.80 -19.37
N PHE A 230 -2.23 -10.77 -19.89
CA PHE A 230 -2.53 -9.40 -19.45
C PHE A 230 -3.98 -9.17 -19.88
N SER A 231 -4.76 -8.46 -19.07
CA SER A 231 -6.16 -8.22 -19.40
C SER A 231 -6.57 -6.78 -19.65
N GLN A 232 -7.23 -6.55 -20.79
CA GLN A 232 -7.68 -5.21 -21.15
C GLN A 232 -8.77 -4.71 -20.19
N THR A 233 -9.36 -5.61 -19.42
CA THR A 233 -10.43 -5.22 -18.49
C THR A 233 -9.95 -4.55 -17.21
N ILE A 234 -8.64 -4.60 -16.94
CA ILE A 234 -8.10 -3.99 -15.72
C ILE A 234 -7.72 -2.53 -15.93
N PRO A 235 -8.40 -1.62 -15.22
CA PRO A 235 -8.12 -0.18 -15.34
C PRO A 235 -6.90 0.27 -14.54
N ASP A 236 -6.39 1.45 -14.85
CA ASP A 236 -5.24 1.97 -14.11
C ASP A 236 -5.78 2.42 -12.75
N ILE A 237 -5.00 2.18 -11.71
CA ILE A 237 -5.38 2.56 -10.36
C ILE A 237 -4.27 3.45 -9.80
N PHE A 238 -4.63 4.67 -9.40
CA PHE A 238 -3.65 5.62 -8.88
C PHE A 238 -3.78 5.77 -7.38
N VAL A 239 -2.66 5.64 -6.66
CA VAL A 239 -2.68 5.77 -5.22
C VAL A 239 -1.77 6.90 -4.77
N PRO A 240 -2.12 7.58 -3.67
CA PRO A 240 -1.35 8.69 -3.13
C PRO A 240 0.02 8.30 -2.59
N GLY A 241 0.91 9.29 -2.51
CA GLY A 241 2.23 9.07 -1.98
C GLY A 241 2.41 10.07 -0.87
N PHE A 242 3.56 10.07 -0.21
CA PHE A 242 3.79 11.03 0.87
C PHE A 242 4.97 11.93 0.53
N ASN A 243 4.70 13.24 0.48
CA ASN A 243 5.75 14.21 0.20
C ASN A 243 6.40 14.57 1.53
N HIS A 244 7.59 14.01 1.79
CA HIS A 244 8.31 14.26 3.02
C HIS A 244 8.73 15.71 3.20
N ALA A 245 8.72 16.46 2.10
CA ALA A 245 9.10 17.88 2.15
C ALA A 245 7.94 18.72 2.67
N LEU A 246 6.76 18.49 2.13
CA LEU A 246 5.57 19.24 2.53
C LEU A 246 4.87 18.60 3.73
N LYS A 247 5.42 17.47 4.18
CA LYS A 247 4.87 16.73 5.32
C LYS A 247 3.38 16.41 5.12
N ASP A 248 3.03 15.95 3.93
CA ASP A 248 1.63 15.60 3.62
C ASP A 248 1.53 14.67 2.41
N PRO A 249 0.38 13.98 2.29
CA PRO A 249 0.17 13.06 1.16
C PRO A 249 0.02 13.82 -0.15
N THR A 250 0.42 13.19 -1.24
CA THR A 250 0.33 13.81 -2.56
C THR A 250 -0.31 12.81 -3.52
N PRO A 251 -1.22 13.29 -4.38
CA PRO A 251 -1.95 12.47 -5.35
C PRO A 251 -1.18 11.69 -6.41
N ASP A 252 -1.81 10.59 -6.84
CA ASP A 252 -1.34 9.69 -7.87
C ASP A 252 0.17 9.48 -8.02
N GLN A 253 0.85 9.11 -6.95
CA GLN A 253 2.28 8.89 -7.00
C GLN A 253 2.62 7.49 -7.47
N TYR A 254 1.67 6.57 -7.36
CA TYR A 254 1.93 5.20 -7.77
C TYR A 254 0.77 4.69 -8.62
N CYS A 255 1.09 4.16 -9.80
CA CYS A 255 0.08 3.64 -10.70
C CYS A 255 0.14 2.12 -10.79
N ILE A 256 -0.99 1.48 -10.53
CA ILE A 256 -1.10 0.03 -10.63
C ILE A 256 -1.97 -0.19 -11.86
N SER A 257 -1.38 -0.78 -12.91
CA SER A 257 -2.12 -1.02 -14.15
C SER A 257 -2.31 -2.50 -14.47
N LYS A 258 -2.92 -2.75 -15.63
CA LYS A 258 -3.16 -4.11 -16.10
C LYS A 258 -1.84 -4.88 -16.20
N PHE A 259 -0.73 -4.16 -16.35
CA PHE A 259 0.56 -4.83 -16.47
C PHE A 259 1.12 -5.23 -15.11
N THR A 260 0.63 -4.58 -14.06
CA THR A 260 1.09 -4.91 -12.72
C THR A 260 0.49 -6.24 -12.29
N ARG A 261 1.33 -7.26 -12.18
CA ARG A 261 0.86 -8.58 -11.77
C ARG A 261 1.37 -8.92 -10.37
N ILE A 262 2.18 -8.03 -9.81
CA ILE A 262 2.76 -8.20 -8.49
C ILE A 262 2.66 -6.87 -7.75
N VAL A 263 1.96 -6.87 -6.62
CA VAL A 263 1.79 -5.66 -5.84
C VAL A 263 2.45 -5.82 -4.49
N ILE A 264 3.42 -4.96 -4.22
CA ILE A 264 4.13 -5.02 -2.97
C ILE A 264 3.67 -3.89 -2.05
N LEU A 265 2.86 -4.24 -1.08
CA LEU A 265 2.36 -3.27 -0.11
C LEU A 265 3.28 -3.29 1.09
N GLU A 266 3.80 -2.12 1.46
CA GLU A 266 4.69 -2.02 2.61
C GLU A 266 4.23 -0.93 3.55
N GLY A 267 4.30 -1.20 4.84
CA GLY A 267 3.88 -0.21 5.80
C GLY A 267 3.96 -0.67 7.23
N LEU A 268 3.58 0.22 8.14
CA LEU A 268 3.62 -0.06 9.57
C LEU A 268 2.53 -0.97 10.09
N TYR A 269 1.30 -0.73 9.65
CA TYR A 269 0.14 -1.45 10.16
C TYR A 269 -0.62 -2.42 9.25
N LEU A 270 0.05 -3.02 8.28
CA LEU A 270 -0.64 -3.95 7.39
C LEU A 270 -1.06 -5.23 8.12
N LEU A 271 -0.45 -5.48 9.29
CA LEU A 271 -0.75 -6.67 10.09
C LEU A 271 -1.19 -6.28 11.51
N TYR A 272 -1.78 -5.10 11.64
CA TYR A 272 -2.23 -4.57 12.94
C TYR A 272 -3.63 -5.10 13.26
N ASP A 273 -3.77 -5.71 14.43
CA ASP A 273 -5.04 -6.33 14.84
C ASP A 273 -6.18 -5.41 15.29
N GLN A 274 -6.18 -4.16 14.84
CA GLN A 274 -7.21 -3.22 15.24
C GLN A 274 -7.99 -2.60 14.09
N GLU A 275 -9.24 -2.25 14.38
CA GLU A 275 -10.14 -1.62 13.42
C GLU A 275 -10.01 -2.08 11.97
N ASN A 276 -9.82 -1.12 11.05
CA ASN A 276 -9.72 -1.45 9.63
C ASN A 276 -8.44 -2.20 9.26
N TRP A 277 -7.37 -1.99 10.03
CA TRP A 277 -6.11 -2.67 9.73
C TRP A 277 -6.23 -4.18 9.78
N LYS A 278 -7.00 -4.66 10.74
CA LYS A 278 -7.21 -6.09 10.92
C LYS A 278 -7.85 -6.73 9.69
N LYS A 279 -8.69 -5.98 8.99
CA LYS A 279 -9.35 -6.52 7.81
C LYS A 279 -8.46 -6.59 6.57
N ILE A 280 -7.31 -5.93 6.63
CA ILE A 280 -6.37 -5.94 5.49
C ILE A 280 -5.84 -7.32 5.14
N TYR A 281 -5.28 -8.01 6.14
CA TYR A 281 -4.73 -9.33 5.91
C TYR A 281 -5.76 -10.27 5.31
N LYS A 282 -6.91 -10.40 5.97
CA LYS A 282 -7.95 -11.29 5.48
C LYS A 282 -8.40 -10.93 4.07
N THR A 283 -8.53 -9.63 3.79
CA THR A 283 -8.96 -9.18 2.47
C THR A 283 -7.99 -9.65 1.38
N LEU A 284 -6.68 -9.50 1.62
CA LEU A 284 -5.69 -9.92 0.65
C LEU A 284 -5.44 -11.43 0.74
N ALA A 285 -5.45 -11.97 1.96
CA ALA A 285 -5.23 -13.40 2.15
C ALA A 285 -6.27 -14.22 1.41
N ASP A 286 -7.53 -13.79 1.50
CA ASP A 286 -8.62 -14.51 0.83
C ASP A 286 -8.48 -14.65 -0.68
N THR A 287 -7.57 -13.89 -1.30
CA THR A 287 -7.40 -14.02 -2.74
C THR A 287 -6.71 -15.34 -3.04
N GLY A 288 -5.98 -15.87 -2.06
CA GLY A 288 -5.26 -17.11 -2.23
C GLY A 288 -3.92 -16.86 -2.91
N ALA A 289 -3.54 -15.59 -3.01
CA ALA A 289 -2.28 -15.23 -3.65
C ALA A 289 -1.61 -14.13 -2.86
N LEU A 290 -1.22 -14.45 -1.62
CA LEU A 290 -0.57 -13.50 -0.74
C LEU A 290 0.68 -14.06 -0.06
N LEU A 291 1.74 -13.27 -0.03
CA LEU A 291 2.96 -13.64 0.68
C LEU A 291 3.04 -12.55 1.75
N VAL A 292 3.42 -12.93 2.96
CA VAL A 292 3.49 -11.97 4.06
C VAL A 292 4.84 -12.00 4.76
N TYR A 293 5.45 -10.82 4.90
CA TYR A 293 6.75 -10.70 5.56
C TYR A 293 6.69 -9.65 6.64
N LYS A 294 7.40 -9.93 7.73
CA LYS A 294 7.46 -9.03 8.86
C LYS A 294 8.93 -8.92 9.23
N ILE A 295 9.45 -7.70 9.24
CA ILE A 295 10.85 -7.47 9.57
C ILE A 295 11.13 -7.40 11.07
N ASP A 296 12.10 -8.18 11.52
CA ASP A 296 12.48 -8.17 12.93
C ASP A 296 13.69 -7.26 12.99
N ILE A 297 13.63 -6.22 13.81
CA ILE A 297 14.72 -5.26 13.89
C ILE A 297 15.83 -5.49 14.90
N ASP A 298 17.02 -5.04 14.54
CA ASP A 298 18.18 -5.10 15.42
C ASP A 298 17.96 -3.81 16.21
N TYR A 299 17.57 -3.96 17.46
CA TYR A 299 17.27 -2.81 18.30
C TYR A 299 18.28 -1.66 18.27
N GLU A 300 19.52 -1.93 18.67
CA GLU A 300 20.55 -0.89 18.69
C GLU A 300 20.71 -0.18 17.37
N ALA A 301 20.91 -0.95 16.30
CA ALA A 301 21.09 -0.37 14.98
C ALA A 301 19.90 0.49 14.58
N THR A 302 18.69 0.02 14.89
CA THR A 302 17.49 0.75 14.53
C THR A 302 17.32 2.01 15.38
N GLU A 303 17.66 1.89 16.67
CA GLU A 303 17.56 3.02 17.59
C GLU A 303 18.43 4.17 17.08
N GLU A 304 19.67 3.84 16.73
CA GLU A 304 20.61 4.83 16.23
C GLU A 304 20.07 5.46 14.95
N ARG A 305 19.62 4.61 14.04
CA ARG A 305 19.09 5.05 12.75
C ARG A 305 17.93 6.03 12.91
N VAL A 306 16.97 5.68 13.75
CA VAL A 306 15.82 6.55 13.97
C VAL A 306 16.21 7.81 14.74
N ALA A 307 17.18 7.68 15.64
CA ALA A 307 17.65 8.83 16.41
C ALA A 307 18.27 9.84 15.45
N LYS A 308 19.11 9.36 14.54
CA LYS A 308 19.76 10.24 13.57
C LYS A 308 18.73 10.91 12.65
N ARG A 309 17.70 10.17 12.26
CA ARG A 309 16.66 10.74 11.40
C ARG A 309 15.96 11.92 12.05
N HIS A 310 15.61 11.75 13.32
CA HIS A 310 14.94 12.81 14.06
C HIS A 310 15.86 14.01 14.25
N LEU A 311 17.16 13.75 14.37
CA LEU A 311 18.13 14.84 14.53
C LEU A 311 18.24 15.63 13.23
N GLN A 312 18.38 14.92 12.12
CA GLN A 312 18.50 15.54 10.81
C GLN A 312 17.22 16.28 10.44
N SER A 313 16.11 15.86 11.00
CA SER A 313 14.81 16.48 10.72
C SER A 313 14.52 17.65 11.66
N GLY A 314 15.30 17.78 12.72
CA GLY A 314 15.09 18.88 13.65
C GLY A 314 14.19 18.58 14.85
N LEU A 315 13.63 17.38 14.90
CA LEU A 315 12.75 16.99 16.01
C LEU A 315 13.47 17.02 17.35
N VAL A 316 14.78 16.78 17.35
CA VAL A 316 15.57 16.78 18.57
C VAL A 316 16.84 17.60 18.34
N THR A 317 17.48 18.04 19.42
CA THR A 317 18.70 18.84 19.29
C THR A 317 19.98 18.03 19.35
N THR A 318 19.90 16.82 19.89
CA THR A 318 21.07 15.94 20.01
C THR A 318 20.65 14.50 19.75
N ILE A 319 21.63 13.65 19.45
CA ILE A 319 21.35 12.24 19.18
C ILE A 319 20.82 11.56 20.46
N ALA A 320 21.29 12.01 21.62
CA ALA A 320 20.83 11.44 22.90
C ALA A 320 19.32 11.62 23.07
N GLU A 321 18.82 12.80 22.71
CA GLU A 321 17.40 13.06 22.80
C GLU A 321 16.66 12.15 21.82
N GLY A 322 17.26 11.98 20.64
CA GLY A 322 16.65 11.11 19.64
C GLY A 322 16.51 9.69 20.14
N ARG A 323 17.55 9.19 20.81
CA ARG A 323 17.53 7.83 21.35
C ARG A 323 16.48 7.63 22.44
N GLU A 324 16.38 8.60 23.35
CA GLU A 324 15.41 8.50 24.43
C GLU A 324 14.00 8.51 23.86
N LYS A 325 13.80 9.31 22.83
CA LYS A 325 12.50 9.41 22.17
C LYS A 325 12.11 8.06 21.58
N PHE A 326 13.10 7.37 21.02
CA PHE A 326 12.89 6.06 20.42
C PHE A 326 12.54 5.05 21.51
N ARG A 327 13.32 5.05 22.59
CA ARG A 327 13.13 4.12 23.69
C ARG A 327 11.79 4.26 24.43
N SER A 328 11.31 5.49 24.57
CA SER A 328 10.06 5.72 25.28
C SER A 328 8.81 5.75 24.42
N ASN A 329 8.98 5.78 23.11
CA ASN A 329 7.83 5.81 22.19
C ASN A 329 7.62 4.45 21.51
N ASP A 330 6.66 3.67 22.01
CA ASP A 330 6.39 2.35 21.45
C ASP A 330 5.93 2.37 20.01
N LEU A 331 5.69 3.55 19.45
CA LEU A 331 5.28 3.65 18.05
C LEU A 331 6.55 3.67 17.21
N LEU A 332 7.64 4.10 17.83
CA LEU A 332 8.94 4.18 17.16
C LEU A 332 9.80 2.95 17.32
N ASN A 333 9.83 2.39 18.53
CA ASN A 333 10.67 1.22 18.79
C ASN A 333 10.05 -0.09 18.29
N GLY A 334 8.84 -0.02 17.77
CA GLY A 334 8.19 -1.20 17.23
C GLY A 334 7.38 -2.06 18.18
N ARG A 335 7.41 -1.74 19.47
CA ARG A 335 6.67 -2.52 20.46
C ARG A 335 5.17 -2.56 20.19
N ASP A 336 4.59 -1.45 19.78
CA ASP A 336 3.16 -1.39 19.51
C ASP A 336 2.81 -2.39 18.41
N ILE A 337 3.56 -2.35 17.32
CA ILE A 337 3.35 -3.25 16.19
C ILE A 337 3.49 -4.73 16.58
N ASP A 338 4.53 -5.07 17.36
CA ASP A 338 4.72 -6.45 17.78
C ASP A 338 3.60 -6.91 18.71
N ASN A 339 3.13 -6.01 19.57
CA ASN A 339 2.07 -6.34 20.51
C ASN A 339 0.73 -6.53 19.81
N HIS A 340 0.54 -5.85 18.68
CA HIS A 340 -0.71 -5.96 17.94
C HIS A 340 -0.61 -6.74 16.63
N LEU A 341 0.40 -7.60 16.52
CA LEU A 341 0.58 -8.40 15.32
C LEU A 341 -0.53 -9.45 15.24
N ILE A 342 -1.31 -9.42 14.16
CA ILE A 342 -2.40 -10.37 14.01
C ILE A 342 -1.89 -11.81 14.15
N LYS A 343 -2.70 -12.66 14.78
CA LYS A 343 -2.33 -14.04 15.00
C LYS A 343 -2.62 -14.95 13.82
N VAL A 344 -1.66 -15.05 12.90
CA VAL A 344 -1.78 -15.91 11.73
C VAL A 344 -0.43 -16.58 11.52
N ASP A 345 -0.47 -17.86 11.15
CA ASP A 345 0.76 -18.64 10.96
C ASP A 345 1.50 -18.46 9.64
N ASN A 346 1.01 -17.57 8.78
CA ASN A 346 1.66 -17.37 7.50
C ASN A 346 2.61 -16.17 7.44
N ILE A 347 2.88 -15.57 8.59
CA ILE A 347 3.78 -14.41 8.63
C ILE A 347 5.25 -14.84 8.69
N VAL A 348 5.99 -14.59 7.62
CA VAL A 348 7.40 -14.94 7.53
C VAL A 348 8.27 -13.82 8.08
N HIS A 349 8.89 -14.06 9.23
CA HIS A 349 9.76 -13.06 9.85
C HIS A 349 11.12 -13.02 9.19
N ILE A 350 11.55 -11.84 8.78
CA ILE A 350 12.84 -11.68 8.13
C ILE A 350 13.68 -10.64 8.86
N ARG A 351 15.00 -10.73 8.68
CA ARG A 351 15.91 -9.80 9.32
C ARG A 351 16.49 -8.86 8.29
N ASN A 352 16.87 -7.67 8.72
CA ASN A 352 17.46 -6.68 7.83
C ASN A 352 18.60 -6.03 8.59
N ASP A 353 19.50 -6.87 9.12
CA ASP A 353 20.64 -6.40 9.89
C ASP A 353 21.75 -5.89 8.97
N HIS A 354 22.36 -4.77 9.38
CA HIS A 354 23.44 -4.17 8.61
C HIS A 354 24.75 -4.21 9.41
S SO4 B . 11.67 2.44 7.18
O1 SO4 B . 11.34 3.48 8.19
O2 SO4 B . 11.09 1.15 7.61
O3 SO4 B . 11.11 2.82 5.87
O4 SO4 B . 13.13 2.33 7.09
#